data_4U6A
#
_entry.id   4U6A
#
_cell.length_a   81.380
_cell.length_b   80.980
_cell.length_c   84.020
_cell.angle_alpha   90.00
_cell.angle_beta   90.00
_cell.angle_gamma   90.00
#
_symmetry.space_group_name_H-M   'I 21 21 21'
#
loop_
_entity.id
_entity.type
_entity.pdbx_description
1 polymer Tankyrase-1
2 non-polymer 'ZINC ION'
3 non-polymer 3-(4-{[4-(dimethylamino)piperidin-1-yl]methyl}phenyl)-5-methylisoquinolin-1(2H)-one
4 non-polymer GLYCEROL
5 non-polymer 1,2-ETHANEDIOL
6 water water
#
_entity_poly.entity_id   1
_entity_poly.type   'polypeptide(L)'
_entity_poly.pdbx_seq_one_letter_code
;MHHHHHHSSGVDLGTENLYFQSMQGTNPYLTFHCVNQGTILLDLAPEDKEYQSVEEEMQSTIREHRDGGNAGGIFNRYNV
IRIQKVVNKKLRERFCHRQKEVSEENHNHHNERMLFHGSPFINAIIHKGFDERHAYIGGMFGAGIYFAENSSKSNQYVYG
IGGGTGCPTHKDRSCYICHRQMLFCRVTLGKSFLQFSTIKMAHAPPGHHSVIGRPSVNGLAYAEYVIYRGEQAYPEYLIT
YQIMKPEAPSQTATAAEQ
;
_entity_poly.pdbx_strand_id   A
#
# COMPACT_ATOMS: atom_id res chain seq x y z
N GLY A 38 16.81 -6.52 -12.58
CA GLY A 38 15.78 -7.56 -12.61
C GLY A 38 15.14 -7.91 -11.28
N THR A 39 13.81 -8.13 -11.31
CA THR A 39 13.00 -8.55 -10.16
C THR A 39 12.73 -10.05 -10.23
N ILE A 40 12.77 -10.70 -9.07
CA ILE A 40 12.44 -12.10 -8.91
C ILE A 40 11.20 -12.17 -8.04
N LEU A 41 10.17 -12.94 -8.49
CA LEU A 41 8.97 -13.14 -7.68
C LEU A 41 9.03 -14.56 -7.15
N LEU A 42 9.14 -14.70 -5.82
CA LEU A 42 9.23 -15.98 -5.14
C LEU A 42 7.88 -16.34 -4.59
N ASP A 43 7.31 -17.45 -5.06
CA ASP A 43 5.99 -17.88 -4.58
C ASP A 43 6.05 -18.44 -3.18
N LEU A 44 5.22 -17.91 -2.29
CA LEU A 44 5.17 -18.47 -0.94
C LEU A 44 4.12 -19.60 -0.90
N ALA A 45 4.41 -20.69 -0.20
CA ALA A 45 3.43 -21.79 -0.13
C ALA A 45 2.36 -21.49 0.90
N PRO A 46 1.06 -21.82 0.64
CA PRO A 46 -0.01 -21.54 1.62
C PRO A 46 0.15 -22.18 3.00
N GLU A 47 1.02 -23.20 3.08
CA GLU A 47 1.37 -23.93 4.29
C GLU A 47 2.42 -23.16 5.10
N ASP A 48 3.11 -22.18 4.46
CA ASP A 48 4.13 -21.36 5.11
C ASP A 48 3.51 -20.41 6.13
N LYS A 49 4.22 -20.18 7.25
CA LYS A 49 3.77 -19.28 8.31
C LYS A 49 3.82 -17.84 7.80
N GLU A 50 4.75 -17.54 6.87
CA GLU A 50 4.92 -16.23 6.23
C GLU A 50 3.67 -15.87 5.39
N TYR A 51 3.16 -16.84 4.61
CA TYR A 51 1.94 -16.72 3.81
C TYR A 51 0.70 -16.52 4.73
N GLN A 52 0.53 -17.44 5.72
CA GLN A 52 -0.57 -17.39 6.70
C GLN A 52 -0.62 -16.03 7.38
N SER A 53 0.55 -15.51 7.80
CA SER A 53 0.69 -14.17 8.38
C SER A 53 0.20 -13.05 7.43
N VAL A 54 0.65 -13.07 6.15
CA VAL A 54 0.33 -12.03 5.16
C VAL A 54 -1.16 -12.01 4.89
N GLU A 55 -1.76 -13.19 4.56
CA GLU A 55 -3.21 -13.31 4.35
C GLU A 55 -3.99 -12.95 5.63
N GLU A 56 -3.61 -13.48 6.81
CA GLU A 56 -4.29 -13.10 8.07
C GLU A 56 -4.38 -11.58 8.20
N GLU A 57 -3.27 -10.87 7.95
CA GLU A 57 -3.25 -9.41 8.02
C GLU A 57 -4.17 -8.81 6.96
N MET A 58 -4.22 -9.42 5.78
CA MET A 58 -5.04 -8.94 4.69
C MET A 58 -6.56 -9.10 5.00
N GLN A 59 -6.97 -10.29 5.47
CA GLN A 59 -8.36 -10.62 5.78
C GLN A 59 -8.88 -9.88 7.01
N SER A 60 -8.10 -9.85 8.10
CA SER A 60 -8.53 -9.29 9.38
C SER A 60 -8.66 -7.76 9.39
N THR A 61 -8.11 -7.06 8.38
CA THR A 61 -8.18 -5.60 8.42
C THR A 61 -9.27 -5.02 7.48
N ILE A 62 -10.19 -5.85 6.98
CA ILE A 62 -11.32 -5.40 6.14
C ILE A 62 -12.32 -4.68 7.05
N ARG A 63 -12.76 -3.49 6.62
CA ARG A 63 -13.73 -2.65 7.32
C ARG A 63 -14.69 -1.97 6.29
N GLU A 64 -15.84 -1.42 6.77
CA GLU A 64 -16.87 -0.76 5.94
C GLU A 64 -16.49 0.68 5.55
N HIS A 65 -16.82 1.05 4.30
CA HIS A 65 -16.56 2.40 3.79
C HIS A 65 -17.88 3.13 3.50
N ARG A 66 -17.87 4.46 3.68
CA ARG A 66 -19.02 5.37 3.51
C ARG A 66 -19.59 5.36 2.08
N ASP A 67 -18.74 5.10 1.06
CA ASP A 67 -19.12 5.05 -0.37
C ASP A 67 -19.96 3.78 -0.72
N GLY A 68 -20.28 2.97 0.28
CA GLY A 68 -21.02 1.72 0.14
C GLY A 68 -20.40 0.75 -0.85
N GLY A 69 -19.06 0.75 -0.92
CA GLY A 69 -18.27 -0.07 -1.82
C GLY A 69 -18.35 0.34 -3.27
N ASN A 70 -18.55 1.63 -3.55
CA ASN A 70 -18.65 2.12 -4.94
C ASN A 70 -17.28 1.99 -5.68
N ALA A 71 -16.17 2.25 -4.98
CA ALA A 71 -14.82 2.23 -5.52
C ALA A 71 -14.19 0.84 -5.50
N GLY A 72 -14.23 0.13 -4.38
CA GLY A 72 -13.61 -1.19 -4.27
C GLY A 72 -14.48 -2.42 -4.51
N GLY A 73 -15.80 -2.27 -4.39
CA GLY A 73 -16.74 -3.37 -4.53
C GLY A 73 -17.36 -3.81 -3.22
N ILE A 74 -18.39 -4.66 -3.31
CA ILE A 74 -19.10 -5.16 -2.13
C ILE A 74 -18.60 -6.57 -1.79
N PHE A 75 -17.97 -6.70 -0.62
CA PHE A 75 -17.37 -7.95 -0.16
C PHE A 75 -17.22 -7.96 1.38
N ASN A 76 -16.99 -9.14 1.92
CA ASN A 76 -16.81 -9.38 3.34
C ASN A 76 -15.49 -10.08 3.54
N ARG A 77 -14.92 -10.59 2.43
CA ARG A 77 -13.73 -11.41 2.41
C ARG A 77 -13.11 -11.37 0.98
N TYR A 78 -11.85 -11.84 0.90
CA TYR A 78 -11.05 -12.01 -0.31
C TYR A 78 -10.82 -13.47 -0.59
N ASN A 79 -10.53 -13.77 -1.85
CA ASN A 79 -10.08 -15.07 -2.22
C ASN A 79 -8.61 -14.92 -2.68
N VAL A 80 -7.62 -15.26 -1.80
CA VAL A 80 -6.18 -15.16 -2.10
C VAL A 80 -5.76 -16.25 -3.09
N ILE A 81 -5.36 -15.83 -4.32
CA ILE A 81 -4.94 -16.71 -5.41
C ILE A 81 -3.46 -17.14 -5.17
N ARG A 82 -2.58 -16.16 -4.83
CA ARG A 82 -1.17 -16.41 -4.49
C ARG A 82 -0.55 -15.16 -3.84
N ILE A 83 0.55 -15.37 -3.11
CA ILE A 83 1.33 -14.31 -2.45
C ILE A 83 2.77 -14.58 -2.86
N GLN A 84 3.48 -13.54 -3.33
CA GLN A 84 4.86 -13.60 -3.85
C GLN A 84 5.79 -12.57 -3.19
N LYS A 85 7.02 -13.01 -2.84
CA LYS A 85 8.05 -12.14 -2.31
C LYS A 85 8.79 -11.52 -3.48
N VAL A 86 8.88 -10.19 -3.49
CA VAL A 86 9.53 -9.36 -4.48
C VAL A 86 11.02 -9.22 -4.11
N VAL A 87 11.90 -9.49 -5.07
CA VAL A 87 13.33 -9.44 -4.86
C VAL A 87 13.99 -8.67 -6.00
N ASN A 88 14.50 -7.49 -5.67
CA ASN A 88 15.25 -6.65 -6.58
C ASN A 88 16.44 -6.09 -5.82
N LYS A 89 17.66 -6.44 -6.27
CA LYS A 89 18.92 -6.02 -5.62
C LYS A 89 19.05 -4.47 -5.59
N LYS A 90 18.70 -3.78 -6.67
CA LYS A 90 18.84 -2.32 -6.71
C LYS A 90 17.77 -1.62 -5.86
N LEU A 91 16.53 -2.11 -5.82
CA LEU A 91 15.47 -1.45 -5.03
C LEU A 91 15.71 -1.62 -3.50
N ARG A 92 16.33 -2.75 -3.09
CA ARG A 92 16.70 -3.03 -1.70
C ARG A 92 17.89 -2.11 -1.33
N GLU A 93 18.76 -1.76 -2.31
CA GLU A 93 19.88 -0.85 -2.09
C GLU A 93 19.41 0.56 -1.78
N ARG A 94 18.47 1.10 -2.59
CA ARG A 94 17.88 2.42 -2.37
C ARG A 94 17.15 2.49 -1.01
N PHE A 95 16.42 1.43 -0.68
CA PHE A 95 15.63 1.33 0.56
C PHE A 95 16.51 1.24 1.83
N CYS A 96 17.56 0.40 1.82
CA CYS A 96 18.44 0.18 2.97
C CYS A 96 19.36 1.37 3.19
N HIS A 97 19.73 2.06 2.09
CA HIS A 97 20.53 3.30 2.13
C HIS A 97 19.72 4.41 2.82
N ARG A 98 18.42 4.53 2.42
CA ARG A 98 17.51 5.53 2.96
C ARG A 98 17.13 5.22 4.42
N GLN A 99 17.08 3.95 4.85
CA GLN A 99 16.79 3.61 6.27
C GLN A 99 17.89 4.18 7.15
N LYS A 100 19.18 3.89 6.77
CA LYS A 100 20.37 4.36 7.49
C LYS A 100 20.28 5.87 7.70
N GLU A 101 20.01 6.64 6.62
CA GLU A 101 19.84 8.09 6.66
C GLU A 101 18.73 8.52 7.64
N VAL A 102 17.54 7.89 7.58
CA VAL A 102 16.38 8.21 8.40
C VAL A 102 16.65 7.95 9.92
N SER A 103 17.28 6.80 10.28
CA SER A 103 17.62 6.41 11.66
C SER A 103 18.62 7.37 12.30
N GLU A 104 19.64 7.85 11.54
CA GLU A 104 20.62 8.85 12.04
C GLU A 104 19.89 10.12 12.49
N GLU A 105 18.85 10.53 11.73
CA GLU A 105 17.95 11.66 11.98
C GLU A 105 16.83 11.33 12.98
N ASN A 106 16.74 10.08 13.48
CA ASN A 106 15.67 9.70 14.40
C ASN A 106 16.18 8.78 15.51
N HIS A 107 17.42 9.01 15.99
CA HIS A 107 18.10 8.28 17.06
C HIS A 107 18.13 6.76 16.87
N ASN A 108 18.78 6.28 15.80
CA ASN A 108 18.98 4.87 15.40
C ASN A 108 17.65 4.13 15.26
N HIS A 109 16.56 4.86 14.97
CA HIS A 109 15.23 4.25 14.82
C HIS A 109 14.60 4.58 13.48
N HIS A 110 14.43 3.58 12.61
CA HIS A 110 13.82 3.88 11.31
C HIS A 110 12.28 3.83 11.34
N ASN A 111 11.67 3.26 12.42
CA ASN A 111 10.22 3.15 12.62
C ASN A 111 9.51 2.56 11.34
N GLU A 112 9.95 1.36 10.96
CA GLU A 112 9.43 0.61 9.80
C GLU A 112 8.09 -0.04 10.16
N ARG A 113 7.10 0.10 9.24
CA ARG A 113 5.78 -0.49 9.38
CA ARG A 113 5.77 -0.47 9.37
C ARG A 113 5.40 -1.24 8.11
N MET A 114 4.58 -2.28 8.25
CA MET A 114 4.07 -3.07 7.13
C MET A 114 2.71 -2.49 6.81
N LEU A 115 2.56 -1.91 5.62
CA LEU A 115 1.32 -1.24 5.24
C LEU A 115 0.90 -1.69 3.85
N PHE A 116 -0.41 -1.61 3.57
CA PHE A 116 -0.98 -1.97 2.28
C PHE A 116 -0.85 -0.83 1.27
N HIS A 117 -0.83 -1.18 -0.01
CA HIS A 117 -0.77 -0.24 -1.12
C HIS A 117 -1.48 -0.84 -2.33
N GLY A 118 -2.53 -0.16 -2.78
CA GLY A 118 -3.32 -0.45 -3.97
C GLY A 118 -3.04 0.63 -4.99
N SER A 119 -2.67 0.24 -6.22
CA SER A 119 -2.31 1.16 -7.29
C SER A 119 -2.56 0.58 -8.67
N PRO A 120 -3.00 1.38 -9.67
CA PRO A 120 -3.08 0.84 -11.03
C PRO A 120 -1.69 0.74 -11.69
N PHE A 121 -0.60 1.02 -10.92
CA PHE A 121 0.82 1.07 -11.34
C PHE A 121 1.72 -0.01 -10.71
N ILE A 122 1.09 -1.06 -10.15
CA ILE A 122 1.70 -2.13 -9.39
C ILE A 122 2.87 -2.82 -10.11
N ASN A 123 2.77 -2.98 -11.42
CA ASN A 123 3.77 -3.63 -12.25
C ASN A 123 5.01 -2.75 -12.38
N ALA A 124 4.82 -1.45 -12.48
CA ALA A 124 5.95 -0.52 -12.55
C ALA A 124 6.65 -0.40 -11.18
N ILE A 125 5.89 -0.54 -10.04
CA ILE A 125 6.43 -0.47 -8.69
C ILE A 125 7.37 -1.68 -8.45
N ILE A 126 6.96 -2.91 -8.80
CA ILE A 126 7.77 -4.11 -8.54
C ILE A 126 9.02 -4.14 -9.45
N HIS A 127 9.06 -3.30 -10.49
CA HIS A 127 10.24 -3.27 -11.33
C HIS A 127 11.09 -2.03 -11.08
N LYS A 128 10.48 -0.86 -11.00
CA LYS A 128 11.25 0.38 -10.88
C LYS A 128 11.13 1.03 -9.48
N GLY A 129 10.31 0.45 -8.61
CA GLY A 129 10.09 0.97 -7.27
C GLY A 129 9.04 2.07 -7.18
N PHE A 130 8.77 2.50 -5.94
CA PHE A 130 7.89 3.64 -5.65
C PHE A 130 8.56 4.91 -6.14
N ASP A 131 7.75 5.82 -6.69
CA ASP A 131 8.22 7.07 -7.24
C ASP A 131 7.27 8.22 -6.86
N GLU A 132 7.82 9.17 -6.05
CA GLU A 132 7.12 10.38 -5.60
C GLU A 132 6.73 11.31 -6.80
N ARG A 133 7.33 11.11 -8.00
CA ARG A 133 6.94 11.87 -9.20
C ARG A 133 5.50 11.46 -9.64
N HIS A 134 4.95 10.33 -9.08
CA HIS A 134 3.58 9.85 -9.27
C HIS A 134 2.81 9.92 -7.96
N ALA A 135 3.02 10.98 -7.17
CA ALA A 135 2.32 11.20 -5.91
C ALA A 135 0.85 11.50 -6.16
N TYR A 136 0.01 11.09 -5.23
CA TYR A 136 -1.43 11.30 -5.32
C TYR A 136 -1.75 12.80 -5.01
N ILE A 137 -1.81 13.64 -6.07
CA ILE A 137 -2.07 15.08 -6.03
C ILE A 137 -3.36 15.40 -5.21
N GLY A 138 -4.42 14.65 -5.46
CA GLY A 138 -5.71 14.86 -4.81
C GLY A 138 -5.86 14.26 -3.43
N GLY A 139 -4.76 13.90 -2.80
CA GLY A 139 -4.81 13.31 -1.47
C GLY A 139 -5.16 14.33 -0.41
N MET A 140 -5.75 13.87 0.69
CA MET A 140 -6.18 14.67 1.83
C MET A 140 -5.03 15.37 2.52
N PHE A 141 -3.86 14.74 2.52
CA PHE A 141 -2.67 15.25 3.19
C PHE A 141 -1.60 15.69 2.18
N GLY A 142 -2.06 16.02 0.97
CA GLY A 142 -1.24 16.54 -0.12
C GLY A 142 -0.60 15.52 -1.02
N ALA A 143 0.20 16.03 -1.98
CA ALA A 143 0.92 15.25 -2.97
C ALA A 143 2.08 14.41 -2.36
N GLY A 144 1.72 13.19 -1.92
CA GLY A 144 2.62 12.16 -1.40
C GLY A 144 2.17 10.78 -1.84
N ILE A 145 2.86 9.71 -1.41
CA ILE A 145 2.54 8.31 -1.69
C ILE A 145 1.73 7.76 -0.48
N TYR A 146 0.52 7.24 -0.74
CA TYR A 146 -0.35 6.77 0.34
C TYR A 146 -0.34 5.27 0.58
N PHE A 147 -0.47 4.91 1.84
CA PHE A 147 -0.48 3.56 2.40
C PHE A 147 -1.57 3.48 3.43
N ALA A 148 -2.19 2.31 3.50
CA ALA A 148 -3.29 2.00 4.44
C ALA A 148 -2.90 0.88 5.39
N GLU A 149 -3.49 0.92 6.59
CA GLU A 149 -3.41 -0.10 7.66
C GLU A 149 -4.35 -1.24 7.31
N ASN A 150 -5.47 -0.86 6.63
CA ASN A 150 -6.58 -1.66 6.20
C ASN A 150 -6.51 -2.00 4.71
N SER A 151 -6.49 -3.32 4.39
CA SER A 151 -6.48 -3.81 3.01
C SER A 151 -7.67 -3.27 2.23
N SER A 152 -8.85 -3.14 2.88
CA SER A 152 -10.08 -2.64 2.25
C SER A 152 -9.88 -1.27 1.63
N LYS A 153 -9.20 -0.31 2.34
CA LYS A 153 -8.91 1.03 1.81
C LYS A 153 -8.00 1.00 0.55
N SER A 154 -6.92 0.18 0.57
CA SER A 154 -6.00 0.08 -0.57
C SER A 154 -6.69 -0.55 -1.80
N ASN A 155 -7.63 -1.49 -1.55
CA ASN A 155 -8.44 -2.17 -2.58
C ASN A 155 -9.26 -1.18 -3.41
N GLN A 156 -9.67 -0.03 -2.80
CA GLN A 156 -10.39 1.02 -3.56
C GLN A 156 -9.49 1.72 -4.63
N TYR A 157 -8.17 1.43 -4.62
CA TYR A 157 -7.27 2.10 -5.56
C TYR A 157 -6.60 1.18 -6.54
N VAL A 158 -6.87 -0.14 -6.48
CA VAL A 158 -6.27 -1.12 -7.40
C VAL A 158 -6.55 -0.73 -8.91
N TYR A 159 -7.67 0.00 -9.19
CA TYR A 159 -8.02 0.42 -10.55
C TYR A 159 -7.87 1.92 -10.77
N GLY A 160 -7.37 2.62 -9.77
CA GLY A 160 -7.15 4.06 -9.84
C GLY A 160 -7.99 4.76 -8.81
N ILE A 161 -8.02 6.12 -8.87
CA ILE A 161 -8.79 6.99 -7.97
C ILE A 161 -10.30 6.70 -8.17
N GLY A 162 -10.98 6.39 -7.06
CA GLY A 162 -12.41 6.08 -7.04
C GLY A 162 -12.80 4.80 -7.76
N GLY A 163 -11.89 3.82 -7.79
CA GLY A 163 -12.06 2.56 -8.49
C GLY A 163 -11.93 2.67 -10.00
N GLY A 164 -11.50 3.83 -10.49
CA GLY A 164 -11.32 4.15 -11.91
C GLY A 164 -12.58 3.90 -12.72
N THR A 165 -12.44 3.17 -13.84
CA THR A 165 -13.57 2.75 -14.68
C THR A 165 -13.77 1.22 -14.45
N GLY A 166 -13.36 0.73 -13.28
CA GLY A 166 -13.42 -0.69 -12.94
C GLY A 166 -12.36 -1.54 -13.62
N CYS A 167 -12.53 -2.88 -13.56
CA CYS A 167 -11.62 -3.87 -14.18
C CYS A 167 -11.46 -3.62 -15.69
N PRO A 168 -10.28 -3.90 -16.27
CA PRO A 168 -10.09 -3.59 -17.70
C PRO A 168 -10.96 -4.41 -18.67
N THR A 169 -11.46 -5.58 -18.24
CA THR A 169 -12.24 -6.47 -19.08
C THR A 169 -13.73 -6.17 -19.04
N HIS A 170 -14.35 -6.11 -17.86
CA HIS A 170 -15.81 -5.92 -17.75
C HIS A 170 -16.21 -4.52 -17.30
N LYS A 171 -15.23 -3.60 -17.16
CA LYS A 171 -15.40 -2.22 -16.70
C LYS A 171 -16.30 -2.22 -15.45
N ASP A 172 -15.98 -3.12 -14.52
CA ASP A 172 -16.71 -3.30 -13.30
C ASP A 172 -15.83 -3.01 -12.10
N ARG A 173 -16.28 -2.11 -11.23
CA ARG A 173 -15.56 -1.74 -10.01
C ARG A 173 -15.77 -2.80 -8.93
N SER A 174 -16.78 -3.67 -9.10
CA SER A 174 -17.02 -4.74 -8.13
C SER A 174 -16.84 -6.14 -8.74
N CYS A 175 -16.11 -6.25 -9.88
CA CYS A 175 -15.85 -7.53 -10.56
C CYS A 175 -15.34 -8.57 -9.60
N TYR A 176 -15.94 -9.77 -9.66
CA TYR A 176 -15.60 -10.91 -8.81
C TYR A 176 -14.84 -11.99 -9.60
N ILE A 177 -14.66 -11.75 -10.92
CA ILE A 177 -13.98 -12.63 -11.84
C ILE A 177 -12.50 -12.27 -11.88
N CYS A 178 -12.16 -11.04 -12.33
CA CYS A 178 -10.79 -10.58 -12.55
C CYS A 178 -9.94 -10.62 -11.27
N HIS A 179 -8.68 -11.08 -11.42
CA HIS A 179 -7.69 -11.19 -10.35
C HIS A 179 -7.08 -9.82 -10.08
N ARG A 180 -7.30 -9.27 -8.88
CA ARG A 180 -6.74 -7.97 -8.50
C ARG A 180 -5.40 -8.18 -7.83
N GLN A 181 -4.65 -7.10 -7.68
CA GLN A 181 -3.35 -7.16 -7.04
C GLN A 181 -3.12 -5.98 -6.12
N MET A 182 -2.43 -6.23 -5.02
CA MET A 182 -2.02 -5.19 -4.10
C MET A 182 -0.67 -5.59 -3.48
N LEU A 183 -0.02 -4.61 -2.83
CA LEU A 183 1.26 -4.80 -2.21
C LEU A 183 1.18 -4.73 -0.68
N PHE A 184 2.00 -5.52 -0.01
CA PHE A 184 2.11 -5.42 1.45
C PHE A 184 3.56 -4.98 1.67
N CYS A 185 3.77 -3.67 1.95
CA CYS A 185 5.08 -3.01 1.93
C CYS A 185 5.71 -2.73 3.26
N ARG A 186 7.06 -2.74 3.26
CA ARG A 186 7.93 -2.22 4.31
C ARG A 186 7.98 -0.74 4.10
N VAL A 187 7.55 0.04 5.06
CA VAL A 187 7.56 1.49 4.96
C VAL A 187 8.40 2.08 6.10
N THR A 188 9.45 2.84 5.75
CA THR A 188 10.28 3.54 6.73
C THR A 188 9.55 4.84 7.00
N LEU A 189 8.94 4.93 8.20
CA LEU A 189 8.20 6.10 8.60
C LEU A 189 9.08 7.11 9.32
N GLY A 190 10.15 6.64 9.98
CA GLY A 190 11.01 7.50 10.78
C GLY A 190 10.21 8.31 11.79
N LYS A 191 10.39 9.64 11.81
CA LYS A 191 9.61 10.46 12.73
C LYS A 191 8.35 10.88 12.03
N SER A 192 7.24 10.33 12.49
CA SER A 192 5.94 10.63 11.89
C SER A 192 5.31 11.90 12.43
N PHE A 193 4.75 12.67 11.54
CA PHE A 193 4.01 13.85 11.93
C PHE A 193 2.53 13.51 11.89
N LEU A 194 1.88 13.42 13.05
CA LEU A 194 0.46 13.10 13.14
C LEU A 194 -0.41 14.36 12.83
N GLN A 195 -1.15 14.30 11.71
CA GLN A 195 -2.05 15.35 11.18
C GLN A 195 -3.53 14.93 11.41
N PHE A 196 -4.44 15.91 11.60
CA PHE A 196 -5.87 15.59 11.84
C PHE A 196 -6.76 16.34 10.90
N SER A 197 -6.31 17.54 10.51
CA SER A 197 -7.01 18.42 9.60
C SER A 197 -6.61 18.08 8.19
N THR A 198 -7.45 18.39 7.20
CA THR A 198 -7.12 18.14 5.80
C THR A 198 -6.19 19.29 5.37
N ILE A 199 -4.88 19.14 5.61
CA ILE A 199 -3.87 20.15 5.27
C ILE A 199 -2.94 19.58 4.22
N LYS A 200 -2.97 20.16 3.01
CA LYS A 200 -2.13 19.73 1.89
C LYS A 200 -0.67 20.18 2.09
N MET A 201 0.25 19.19 2.14
CA MET A 201 1.71 19.33 2.32
C MET A 201 2.46 18.66 1.18
N ALA A 202 3.38 19.38 0.54
CA ALA A 202 4.18 18.87 -0.57
C ALA A 202 5.30 17.97 -0.07
N HIS A 203 5.71 18.16 1.19
CA HIS A 203 6.80 17.46 1.85
C HIS A 203 6.45 17.30 3.31
N ALA A 204 7.17 16.42 4.03
CA ALA A 204 6.97 16.26 5.46
C ALA A 204 7.39 17.55 6.22
N PRO A 205 6.85 17.85 7.42
CA PRO A 205 7.29 19.05 8.18
C PRO A 205 8.75 18.91 8.64
N PRO A 206 9.45 20.04 8.96
CA PRO A 206 10.85 19.92 9.42
C PRO A 206 11.03 18.92 10.58
N GLY A 207 12.15 18.16 10.50
CA GLY A 207 12.51 17.12 11.44
C GLY A 207 11.78 15.79 11.28
N HIS A 208 10.71 15.74 10.45
CA HIS A 208 9.86 14.55 10.26
C HIS A 208 10.13 13.86 8.93
N HIS A 209 9.69 12.59 8.82
CA HIS A 209 9.91 11.78 7.61
C HIS A 209 8.60 11.28 7.01
N SER A 210 7.51 11.36 7.75
CA SER A 210 6.24 10.90 7.20
C SER A 210 5.08 11.69 7.79
N VAL A 211 3.88 11.49 7.27
CA VAL A 211 2.67 12.12 7.77
C VAL A 211 1.63 11.04 8.01
N ILE A 212 1.10 11.01 9.24
CA ILE A 212 -0.01 10.11 9.57
C ILE A 212 -1.27 10.97 9.70
N GLY A 213 -2.27 10.73 8.86
CA GLY A 213 -3.53 11.45 8.90
C GLY A 213 -4.66 10.63 9.53
N ARG A 214 -5.49 11.28 10.37
CA ARG A 214 -6.64 10.66 11.06
C ARG A 214 -7.86 11.62 11.02
N PRO A 215 -9.13 11.17 11.19
CA PRO A 215 -10.27 12.12 11.13
C PRO A 215 -10.43 12.93 12.43
N ALA A 221 -12.25 7.80 7.63
CA ALA A 221 -12.67 6.93 8.73
C ALA A 221 -11.49 6.12 9.30
N TYR A 222 -10.45 5.86 8.47
CA TYR A 222 -9.26 5.08 8.86
C TYR A 222 -7.96 5.86 8.61
N ALA A 223 -6.86 5.45 9.31
CA ALA A 223 -5.53 6.08 9.24
C ALA A 223 -4.88 5.94 7.86
N GLU A 224 -4.31 7.06 7.36
CA GLU A 224 -3.58 7.13 6.09
C GLU A 224 -2.11 7.50 6.39
N TYR A 225 -1.18 6.78 5.78
CA TYR A 225 0.25 6.99 5.94
C TYR A 225 0.82 7.59 4.63
N VAL A 226 1.44 8.77 4.73
CA VAL A 226 1.98 9.48 3.56
C VAL A 226 3.50 9.60 3.67
N ILE A 227 4.15 9.31 2.57
CA ILE A 227 5.60 9.42 2.46
C ILE A 227 5.87 10.23 1.22
N TYR A 228 6.98 10.95 1.21
CA TYR A 228 7.28 11.85 0.11
C TYR A 228 8.52 11.36 -0.62
N ARG A 229 9.14 10.27 -0.17
CA ARG A 229 10.28 9.69 -0.90
C ARG A 229 10.01 8.25 -1.21
N GLY A 230 10.13 7.91 -2.49
CA GLY A 230 9.89 6.57 -3.02
C GLY A 230 10.77 5.51 -2.43
N GLU A 231 12.02 5.87 -2.11
CA GLU A 231 12.96 4.95 -1.45
C GLU A 231 12.63 4.71 0.05
N GLN A 232 11.47 5.28 0.57
CA GLN A 232 11.03 5.04 1.93
C GLN A 232 10.02 3.86 2.02
N ALA A 233 9.72 3.18 0.87
CA ALA A 233 8.90 1.95 0.85
C ALA A 233 9.54 0.90 -0.05
N TYR A 234 9.40 -0.35 0.34
CA TYR A 234 9.88 -1.48 -0.47
C TYR A 234 8.71 -2.41 -0.67
N PRO A 235 8.38 -2.75 -1.95
CA PRO A 235 7.24 -3.65 -2.21
C PRO A 235 7.52 -5.11 -1.81
N GLU A 236 7.56 -5.42 -0.51
CA GLU A 236 7.90 -6.76 0.02
C GLU A 236 7.09 -7.94 -0.57
N TYR A 237 5.75 -7.79 -0.60
CA TYR A 237 4.85 -8.83 -1.05
C TYR A 237 3.88 -8.37 -2.06
N LEU A 238 3.74 -9.16 -3.13
CA LEU A 238 2.75 -8.93 -4.17
C LEU A 238 1.63 -9.94 -3.95
N ILE A 239 0.38 -9.47 -3.70
CA ILE A 239 -0.74 -10.38 -3.44
C ILE A 239 -1.74 -10.36 -4.60
N THR A 240 -2.07 -11.57 -5.09
CA THR A 240 -3.01 -11.80 -6.20
C THR A 240 -4.24 -12.41 -5.55
N TYR A 241 -5.37 -11.72 -5.72
CA TYR A 241 -6.59 -12.10 -5.05
C TYR A 241 -7.81 -11.70 -5.86
N GLN A 242 -8.97 -12.08 -5.33
CA GLN A 242 -10.28 -11.71 -5.80
C GLN A 242 -11.08 -11.21 -4.64
N ILE A 243 -12.08 -10.35 -4.89
CA ILE A 243 -13.04 -9.91 -3.86
C ILE A 243 -14.20 -10.89 -3.95
N MET A 244 -14.77 -11.30 -2.81
CA MET A 244 -15.81 -12.32 -2.87
C MET A 244 -17.24 -11.80 -2.78
N LYS A 245 -18.12 -12.27 -3.73
CA LYS A 245 -19.55 -11.96 -3.69
C LYS A 245 -20.12 -12.68 -2.50
N PRO A 246 -20.70 -11.97 -1.52
CA PRO A 246 -21.25 -12.66 -0.34
C PRO A 246 -22.42 -13.58 -0.74
N GLU A 247 -22.54 -14.75 -0.04
CA GLU A 247 -23.57 -15.76 -0.25
C GLU A 247 -24.94 -15.25 0.18
#